data_1V0Y
#
_entry.id   1V0Y
#
_cell.length_a   57.369
_cell.length_b   56.462
_cell.length_c   68.762
_cell.angle_alpha   90.00
_cell.angle_beta   93.74
_cell.angle_gamma   90.00
#
_symmetry.space_group_name_H-M   'P 1 21 1'
#
loop_
_entity.id
_entity.type
_entity.pdbx_description
1 polymer 'PHOSPHOLIPASE D'
2 non-polymer '2-(BUTYRYLOXY)-1-{[(TETRAHYDROXYPHOSPHORANYL)OXY]METHYL}ETHYL BUTYRATE'
3 water water
#
_entity_poly.entity_id   1
_entity_poly.type   'polypeptide(L)'
_entity_poly.pdbx_seq_one_letter_code
;ADSATPHLDAVEQTLRQVSPGLEGDVWERTSGNKLDGSAADPSDWLLQTPGCWGDDKCADRVGTKRLLAKMTENIGNATR
TVDISTLAPFPNGAFQDAIVAGLKESAAKGNKLKVRILVGAAPVYHMNVIPSKYRDELTAKLGKAAENITLNVASMTTSK
TAFSWNHSKILVVDGQSALTGGINSWKDDYLDTTHPVSDVDLALTGPAAGSAGRYLDTLWTWTCQNKSNIASVWFAASGN
AGCMPTMHKDTNPKASPATGNVPVIAVGGLGVGIKDVDPKSTFRPDLPTASDTKCVVGLHDNTNADRDYDTVNPEESALR
ALVASAKGHIEISQQDLNATCPPLPRYDIRLYDALAAKMAAGVKVRIVVSDPANRGAVGSGGYSQIKSLSEISDTLRNRL
ANITGGQQAAKTAMCSNLQLATFRSSPNGKWADGHPYAQHHKLVSVDSSTFYIGSKNLYPSWLQDFGYIVESPEAAKQLD
AKLLDPQWKYSQETATVDYARGICNA
;
_entity_poly.pdbx_strand_id   A
#
# COMPACT_ATOMS: atom_id res chain seq x y z
N SER A 3 2.98 27.51 -4.67
CA SER A 3 2.07 26.47 -5.21
C SER A 3 1.03 25.98 -4.18
N ALA A 4 -0.13 25.58 -4.66
CA ALA A 4 -1.12 24.97 -3.83
C ALA A 4 -0.69 23.54 -3.45
N THR A 5 0.27 22.96 -4.18
CA THR A 5 0.66 21.54 -3.98
C THR A 5 2.18 21.35 -3.81
N PRO A 6 2.80 21.95 -2.82
CA PRO A 6 4.26 21.87 -2.76
C PRO A 6 4.77 20.42 -2.57
N HIS A 7 4.01 19.55 -1.91
CA HIS A 7 4.49 18.21 -1.65
C HIS A 7 4.41 17.36 -2.94
N LEU A 8 3.25 17.36 -3.63
CA LEU A 8 3.17 16.63 -4.90
C LEU A 8 4.13 17.23 -5.94
N ASP A 9 4.37 18.51 -5.92
CA ASP A 9 5.27 19.10 -6.91
C ASP A 9 6.67 18.49 -6.75
N ALA A 10 7.10 18.35 -5.51
CA ALA A 10 8.42 17.79 -5.25
C ALA A 10 8.52 16.32 -5.65
N VAL A 11 7.52 15.52 -5.24
CA VAL A 11 7.46 14.12 -5.59
C VAL A 11 7.46 13.92 -7.11
N GLU A 12 6.62 14.68 -7.83
CA GLU A 12 6.52 14.62 -9.29
C GLU A 12 7.88 14.89 -9.97
N GLN A 13 8.57 15.89 -9.46
CA GLN A 13 9.88 16.24 -10.02
C GLN A 13 10.89 15.11 -9.84
N THR A 14 10.82 14.46 -8.69
CA THR A 14 11.64 13.24 -8.48
C THR A 14 11.27 12.12 -9.45
N LEU A 15 9.96 11.83 -9.61
CA LEU A 15 9.56 10.71 -10.44
C LEU A 15 9.94 10.94 -11.91
N ARG A 16 9.95 12.20 -12.34
CA ARG A 16 10.25 12.44 -13.73
C ARG A 16 11.77 12.29 -13.98
N GLN A 17 12.56 12.45 -12.92
CA GLN A 17 13.99 12.11 -13.01
C GLN A 17 14.25 10.64 -12.86
N VAL A 18 13.51 9.97 -11.99
CA VAL A 18 13.74 8.52 -11.79
C VAL A 18 13.22 7.62 -12.89
N SER A 19 11.94 7.79 -13.26
CA SER A 19 11.23 6.90 -14.17
C SER A 19 10.40 7.62 -15.26
N PRO A 20 11.02 8.46 -16.08
CA PRO A 20 10.26 9.20 -17.10
C PRO A 20 9.56 8.30 -18.10
N GLY A 21 10.15 7.18 -18.47
CA GLY A 21 9.53 6.27 -19.43
C GLY A 21 8.35 5.48 -18.86
N LEU A 22 8.14 5.55 -17.55
CA LEU A 22 6.97 4.86 -16.92
C LEU A 22 5.79 5.84 -16.62
N GLU A 23 5.93 7.11 -16.95
CA GLU A 23 4.95 8.14 -16.61
C GLU A 23 3.78 7.79 -17.50
N GLY A 24 2.63 7.71 -16.85
CA GLY A 24 1.36 7.34 -17.49
C GLY A 24 0.98 5.90 -17.16
N ASP A 25 1.97 5.01 -17.05
CA ASP A 25 1.68 3.60 -16.81
C ASP A 25 1.91 3.12 -15.37
N VAL A 26 3.12 3.37 -14.85
CA VAL A 26 3.47 2.95 -13.50
C VAL A 26 3.41 4.07 -12.49
N TRP A 27 3.56 5.34 -12.92
CA TRP A 27 3.18 6.50 -12.11
C TRP A 27 2.46 7.57 -12.95
N GLU A 28 1.66 8.41 -12.34
CA GLU A 28 0.91 9.44 -13.07
C GLU A 28 0.33 10.47 -12.11
N ARG A 29 0.57 11.75 -12.36
CA ARG A 29 -0.06 12.80 -11.65
C ARG A 29 -1.37 13.19 -12.38
N THR A 30 -2.46 13.22 -11.63
CA THR A 30 -3.74 13.75 -12.15
C THR A 30 -4.38 14.76 -11.26
N SER A 31 -5.33 15.49 -11.86
CA SER A 31 -6.15 16.44 -11.15
C SER A 31 -7.62 15.99 -11.32
N GLY A 32 -8.51 16.61 -10.58
CA GLY A 32 -9.93 16.38 -10.78
C GLY A 32 -10.52 15.16 -10.08
N ASN A 33 -9.82 14.61 -9.11
CA ASN A 33 -10.30 13.47 -8.31
C ASN A 33 -11.16 13.84 -7.10
N LYS A 34 -11.77 12.86 -6.45
CA LYS A 34 -12.53 13.05 -5.25
C LYS A 34 -12.28 11.89 -4.30
N LEU A 35 -12.05 12.19 -3.03
CA LEU A 35 -12.15 11.18 -2.01
C LEU A 35 -13.63 10.80 -1.83
N ASP A 36 -13.92 9.52 -1.95
CA ASP A 36 -15.28 9.05 -2.18
C ASP A 36 -15.98 8.69 -0.89
N GLY A 37 -16.25 9.68 -0.05
CA GLY A 37 -16.94 9.46 1.22
C GLY A 37 -18.47 9.58 1.04
N SER A 38 -19.23 9.31 2.09
CA SER A 38 -20.71 9.36 2.06
C SER A 38 -21.13 10.79 2.48
N ALA A 39 -22.36 11.14 2.17
CA ALA A 39 -22.94 12.41 2.64
C ALA A 39 -23.02 12.52 4.17
N ALA A 40 -23.37 11.43 4.84
CA ALA A 40 -23.47 11.41 6.29
C ALA A 40 -22.13 11.50 7.03
N ASP A 41 -21.08 10.94 6.43
CA ASP A 41 -19.80 10.77 7.12
C ASP A 41 -18.73 10.95 6.03
N PRO A 42 -18.36 12.20 5.73
CA PRO A 42 -17.47 12.48 4.56
C PRO A 42 -16.09 11.92 4.69
N SER A 43 -15.71 11.53 5.89
CA SER A 43 -14.40 10.94 6.12
C SER A 43 -14.36 9.44 5.75
N ASP A 44 -15.50 8.84 5.43
CA ASP A 44 -15.57 7.37 5.29
C ASP A 44 -15.10 6.87 3.89
N TRP A 45 -14.41 7.75 3.13
CA TRP A 45 -13.52 7.31 2.07
C TRP A 45 -12.32 6.55 2.68
N LEU A 46 -12.06 6.82 3.97
CA LEU A 46 -10.94 6.23 4.67
C LEU A 46 -11.40 4.87 5.18
N LEU A 47 -11.14 3.83 4.41
CA LEU A 47 -11.70 2.48 4.64
C LEU A 47 -10.73 1.72 5.56
N GLN A 48 -10.67 2.18 6.82
CA GLN A 48 -9.93 1.48 7.87
C GLN A 48 -10.68 0.25 8.32
N THR A 49 -9.93 -0.71 8.85
CA THR A 49 -10.53 -1.89 9.43
C THR A 49 -9.69 -2.29 10.61
N PRO A 50 -10.27 -2.78 11.71
CA PRO A 50 -11.71 -2.98 11.96
C PRO A 50 -12.50 -1.68 12.28
N GLY A 51 -11.84 -0.59 12.67
CA GLY A 51 -12.53 0.60 13.11
C GLY A 51 -13.31 0.30 14.39
N CYS A 52 -12.59 -0.16 15.44
CA CYS A 52 -13.25 -0.39 16.76
C CYS A 52 -12.43 0.25 17.84
N TRP A 53 -12.22 1.52 17.68
CA TRP A 53 -11.38 2.24 18.62
C TRP A 53 -11.94 2.21 20.08
N GLY A 54 -11.06 1.96 21.03
CA GLY A 54 -11.37 2.01 22.45
C GLY A 54 -11.85 0.70 23.04
N ASP A 55 -12.08 -0.32 22.22
CA ASP A 55 -12.78 -1.53 22.67
C ASP A 55 -11.92 -2.74 22.40
N ASP A 56 -11.33 -3.29 23.48
CA ASP A 56 -10.52 -4.49 23.32
C ASP A 56 -11.29 -5.74 22.92
N LYS A 57 -12.62 -5.69 22.90
CA LYS A 57 -13.42 -6.79 22.35
C LYS A 57 -13.80 -6.62 20.89
N CYS A 58 -13.57 -5.44 20.36
CA CYS A 58 -13.89 -5.10 18.96
C CYS A 58 -15.30 -5.44 18.56
N ALA A 59 -16.25 -4.98 19.38
CA ALA A 59 -17.67 -5.34 19.21
C ALA A 59 -18.37 -4.69 18.02
N ASP A 60 -18.17 -3.41 17.85
CA ASP A 60 -18.85 -2.65 16.81
C ASP A 60 -17.78 -2.28 15.76
N ARG A 61 -17.65 -3.14 14.75
CA ARG A 61 -16.64 -2.96 13.71
C ARG A 61 -17.15 -2.08 12.58
N VAL A 62 -17.28 -0.79 12.88
CA VAL A 62 -17.86 0.16 11.90
C VAL A 62 -16.98 0.27 10.65
N GLY A 63 -15.68 0.01 10.80
CA GLY A 63 -14.75 0.08 9.67
C GLY A 63 -14.90 -1.09 8.75
N THR A 64 -14.91 -2.32 9.32
CA THR A 64 -15.13 -3.48 8.51
C THR A 64 -16.44 -3.39 7.75
N LYS A 65 -17.52 -2.98 8.44
CA LYS A 65 -18.85 -2.90 7.82
C LYS A 65 -18.78 -1.98 6.58
N ARG A 66 -18.22 -0.80 6.76
CA ARG A 66 -18.10 0.16 5.67
C ARG A 66 -17.21 -0.40 4.54
N LEU A 67 -16.10 -1.04 4.87
CA LEU A 67 -15.24 -1.62 3.80
C LEU A 67 -15.97 -2.61 2.91
N LEU A 68 -16.72 -3.54 3.51
CA LEU A 68 -17.37 -4.57 2.75
C LEU A 68 -18.54 -3.98 1.96
N ALA A 69 -19.21 -3.02 2.56
CA ALA A 69 -20.35 -2.36 1.91
C ALA A 69 -19.85 -1.57 0.68
N LYS A 70 -18.70 -0.87 0.83
CA LYS A 70 -18.17 -0.04 -0.27
C LYS A 70 -17.67 -0.88 -1.42
N MET A 71 -17.06 -2.02 -1.14
CA MET A 71 -16.69 -2.96 -2.20
C MET A 71 -17.90 -3.37 -3.02
N THR A 72 -19.01 -3.78 -2.36
CA THR A 72 -20.17 -4.17 -3.08
C THR A 72 -20.83 -3.02 -3.83
N GLU A 73 -20.88 -1.84 -3.20
CA GLU A 73 -21.41 -0.64 -3.85
C GLU A 73 -20.72 -0.31 -5.18
N ASN A 74 -19.37 -0.29 -5.14
CA ASN A 74 -18.61 0.08 -6.29
C ASN A 74 -18.72 -0.92 -7.38
N ILE A 75 -18.68 -2.22 -7.05
CA ILE A 75 -18.78 -3.26 -8.06
C ILE A 75 -20.21 -3.26 -8.65
N GLY A 76 -21.17 -3.04 -7.80
CA GLY A 76 -22.57 -3.06 -8.22
C GLY A 76 -22.97 -1.92 -9.15
N ASN A 77 -22.14 -0.87 -9.19
CA ASN A 77 -22.24 0.27 -10.12
C ASN A 77 -21.42 0.07 -11.38
N ALA A 78 -20.82 -1.09 -11.57
CA ALA A 78 -20.10 -1.35 -12.82
C ALA A 78 -21.02 -1.42 -14.02
N THR A 79 -20.60 -0.79 -15.11
CA THR A 79 -21.18 -0.99 -16.42
C THR A 79 -20.27 -1.63 -17.45
N ARG A 80 -18.93 -1.67 -17.22
CA ARG A 80 -18.03 -2.22 -18.20
C ARG A 80 -16.91 -3.17 -17.67
N THR A 81 -16.19 -2.76 -16.66
CA THR A 81 -15.07 -3.51 -16.14
C THR A 81 -14.97 -3.52 -14.62
N VAL A 82 -14.40 -4.63 -14.14
CA VAL A 82 -14.02 -4.78 -12.76
C VAL A 82 -12.58 -5.37 -12.78
N ASP A 83 -11.66 -4.69 -12.13
CA ASP A 83 -10.23 -4.99 -12.20
C ASP A 83 -9.68 -5.10 -10.76
N ILE A 84 -9.29 -6.31 -10.36
CA ILE A 84 -8.89 -6.61 -8.99
C ILE A 84 -7.54 -7.25 -8.96
N SER A 85 -6.68 -6.73 -8.10
CA SER A 85 -5.42 -7.38 -7.72
C SER A 85 -5.32 -7.53 -6.25
N THR A 86 -4.57 -8.52 -5.80
CA THR A 86 -4.29 -8.74 -4.40
C THR A 86 -3.15 -9.78 -4.25
N LEU A 87 -2.84 -10.11 -3.02
CA LEU A 87 -1.82 -11.11 -2.67
C LEU A 87 -2.59 -12.41 -2.29
N ALA A 88 -2.13 -13.52 -2.83
CA ALA A 88 -2.82 -14.81 -2.60
C ALA A 88 -2.79 -15.12 -1.10
N PRO A 89 -3.77 -15.85 -0.58
CA PRO A 89 -4.88 -16.45 -1.31
C PRO A 89 -5.90 -15.49 -1.96
N PHE A 90 -6.60 -15.99 -2.97
CA PHE A 90 -7.75 -15.32 -3.59
C PHE A 90 -8.78 -14.92 -2.53
N PRO A 91 -9.58 -13.87 -2.80
CA PRO A 91 -10.57 -13.41 -1.82
C PRO A 91 -11.52 -14.54 -1.32
N ASN A 92 -11.76 -14.52 -0.02
CA ASN A 92 -12.62 -15.54 0.59
C ASN A 92 -13.57 -14.90 1.61
N GLY A 93 -14.44 -15.74 2.21
CA GLY A 93 -15.30 -15.21 3.24
C GLY A 93 -16.20 -14.10 2.70
N ALA A 94 -16.49 -13.13 3.54
CA ALA A 94 -17.36 -12.00 3.22
C ALA A 94 -16.69 -11.05 2.19
N PHE A 95 -15.37 -11.14 2.00
CA PHE A 95 -14.69 -10.38 0.91
C PHE A 95 -15.21 -10.93 -0.42
N GLN A 96 -15.15 -12.26 -0.58
CA GLN A 96 -15.67 -12.90 -1.77
C GLN A 96 -17.21 -12.66 -1.91
N ASP A 97 -17.94 -12.77 -0.78
CA ASP A 97 -19.38 -12.45 -0.78
C ASP A 97 -19.70 -11.07 -1.34
N ALA A 98 -18.91 -10.09 -0.94
CA ALA A 98 -19.08 -8.69 -1.37
C ALA A 98 -18.86 -8.57 -2.88
N ILE A 99 -17.85 -9.25 -3.40
CA ILE A 99 -17.56 -9.27 -4.85
C ILE A 99 -18.65 -9.91 -5.66
N VAL A 100 -19.14 -11.05 -5.17
CA VAL A 100 -20.20 -11.76 -5.84
C VAL A 100 -21.49 -10.94 -5.83
N ALA A 101 -21.84 -10.37 -4.68
CA ALA A 101 -23.05 -9.54 -4.55
C ALA A 101 -23.00 -8.36 -5.51
N GLY A 102 -21.83 -7.73 -5.65
CA GLY A 102 -21.71 -6.64 -6.57
C GLY A 102 -21.83 -7.01 -8.02
N LEU A 103 -21.23 -8.13 -8.41
CA LEU A 103 -21.31 -8.60 -9.78
C LEU A 103 -22.75 -8.96 -10.15
N LYS A 104 -23.45 -9.60 -9.22
CA LYS A 104 -24.87 -9.93 -9.43
C LYS A 104 -25.68 -8.65 -9.56
N GLU A 105 -25.44 -7.66 -8.70
CA GLU A 105 -26.14 -6.39 -8.78
C GLU A 105 -25.96 -5.70 -10.16
N SER A 106 -24.72 -5.64 -10.62
CA SER A 106 -24.45 -5.06 -11.89
C SER A 106 -25.04 -5.86 -13.05
N ALA A 107 -25.01 -7.20 -12.98
CA ALA A 107 -25.57 -8.01 -14.04
C ALA A 107 -27.10 -7.82 -14.10
N ALA A 108 -27.75 -7.57 -12.96
CA ALA A 108 -29.24 -7.45 -12.96
C ALA A 108 -29.68 -6.13 -13.55
N LYS A 109 -28.77 -5.16 -13.58
CA LYS A 109 -29.03 -3.85 -14.18
C LYS A 109 -28.82 -3.92 -15.70
N GLY A 110 -28.52 -5.12 -16.23
CA GLY A 110 -28.38 -5.40 -17.62
C GLY A 110 -26.97 -5.24 -18.19
N ASN A 111 -25.97 -5.10 -17.32
CA ASN A 111 -24.60 -4.85 -17.81
C ASN A 111 -23.81 -6.11 -18.17
N LYS A 112 -23.02 -6.01 -19.23
CA LYS A 112 -22.11 -7.08 -19.63
C LYS A 112 -20.69 -6.64 -19.25
N LEU A 113 -20.04 -7.44 -18.39
CA LEU A 113 -18.76 -7.02 -17.78
C LEU A 113 -17.58 -7.88 -18.19
N LYS A 114 -16.43 -7.21 -18.32
CA LYS A 114 -15.13 -7.87 -18.32
C LYS A 114 -14.54 -7.76 -16.93
N VAL A 115 -13.92 -8.84 -16.43
CA VAL A 115 -13.48 -8.92 -15.04
C VAL A 115 -12.11 -9.59 -15.03
N ARG A 116 -11.12 -8.93 -14.43
CA ARG A 116 -9.78 -9.51 -14.21
C ARG A 116 -9.54 -9.61 -12.70
N ILE A 117 -8.98 -10.73 -12.24
CA ILE A 117 -8.62 -10.91 -10.85
C ILE A 117 -7.24 -11.54 -10.83
N LEU A 118 -6.26 -10.76 -10.44
CA LEU A 118 -4.86 -11.13 -10.46
C LEU A 118 -4.33 -11.26 -9.03
N VAL A 119 -3.62 -12.36 -8.74
CA VAL A 119 -2.96 -12.50 -7.45
C VAL A 119 -1.48 -12.79 -7.67
N GLY A 120 -0.66 -12.27 -6.78
CA GLY A 120 0.75 -12.68 -6.68
C GLY A 120 0.87 -13.84 -5.72
N ALA A 121 1.80 -14.74 -6.00
CA ALA A 121 1.96 -15.91 -5.18
C ALA A 121 3.42 -16.34 -5.11
N ALA A 122 3.80 -16.97 -4.01
CA ALA A 122 5.05 -17.79 -4.02
C ALA A 122 4.96 -18.88 -5.10
N PRO A 123 6.07 -19.14 -5.80
CA PRO A 123 6.02 -20.01 -7.01
C PRO A 123 5.73 -21.49 -6.71
N VAL A 129 -3.07 -22.67 -4.29
CA VAL A 129 -3.84 -21.48 -4.65
C VAL A 129 -4.89 -21.86 -5.74
N ILE A 130 -4.49 -21.89 -7.00
CA ILE A 130 -5.28 -22.48 -8.11
C ILE A 130 -6.38 -21.59 -8.71
N PRO A 131 -6.00 -20.84 -9.71
CA PRO A 131 -6.93 -20.00 -10.46
C PRO A 131 -8.20 -20.70 -11.03
N SER A 132 -8.06 -21.87 -11.65
CA SER A 132 -9.20 -22.57 -12.26
C SER A 132 -10.25 -22.91 -11.21
N LYS A 133 -9.82 -23.35 -10.04
CA LYS A 133 -10.76 -23.59 -8.94
C LYS A 133 -11.48 -22.30 -8.49
N TYR A 134 -10.75 -21.18 -8.31
CA TYR A 134 -11.39 -19.93 -7.93
C TYR A 134 -12.38 -19.44 -8.97
N ARG A 135 -12.02 -19.56 -10.24
CA ARG A 135 -12.91 -19.19 -11.34
C ARG A 135 -14.20 -20.00 -11.24
N ASP A 136 -14.03 -21.31 -11.04
CA ASP A 136 -15.16 -22.21 -10.92
C ASP A 136 -16.05 -21.91 -9.72
N GLU A 137 -15.45 -21.57 -8.59
CA GLU A 137 -16.19 -21.23 -7.38
C GLU A 137 -16.99 -19.97 -7.64
N LEU A 138 -16.34 -18.97 -8.26
CA LEU A 138 -17.00 -17.72 -8.53
C LEU A 138 -18.16 -17.89 -9.48
N THR A 139 -17.96 -18.70 -10.53
CA THR A 139 -18.95 -18.85 -11.60
C THR A 139 -20.21 -19.52 -11.01
N ALA A 140 -19.98 -20.47 -10.13
CA ALA A 140 -21.04 -21.20 -9.43
C ALA A 140 -21.84 -20.24 -8.60
N LYS A 141 -21.15 -19.41 -7.80
CA LYS A 141 -21.84 -18.50 -6.91
C LYS A 141 -22.56 -17.39 -7.67
N LEU A 142 -22.13 -17.05 -8.90
CA LEU A 142 -22.77 -15.98 -9.68
C LEU A 142 -24.17 -16.36 -10.15
N GLY A 143 -24.39 -17.66 -10.38
CA GLY A 143 -25.65 -18.09 -10.96
C GLY A 143 -25.84 -17.57 -12.35
N LYS A 144 -27.06 -17.10 -12.68
CA LYS A 144 -27.37 -16.52 -13.98
C LYS A 144 -26.48 -15.34 -14.37
N ALA A 145 -26.00 -14.60 -13.38
CA ALA A 145 -25.16 -13.44 -13.62
C ALA A 145 -23.88 -13.77 -14.40
N ALA A 146 -23.43 -15.02 -14.32
CA ALA A 146 -22.23 -15.47 -15.02
C ALA A 146 -22.35 -15.41 -16.54
N GLU A 147 -23.58 -15.46 -17.05
CA GLU A 147 -23.84 -15.26 -18.48
C GLU A 147 -23.36 -13.86 -18.98
N ASN A 148 -23.31 -12.90 -18.06
CA ASN A 148 -23.06 -11.51 -18.42
C ASN A 148 -21.57 -11.15 -18.22
N ILE A 149 -20.75 -12.11 -17.83
CA ILE A 149 -19.40 -11.78 -17.36
C ILE A 149 -18.30 -12.56 -18.10
N THR A 150 -17.26 -11.86 -18.57
CA THR A 150 -16.08 -12.52 -19.15
C THR A 150 -15.01 -12.39 -18.10
N LEU A 151 -14.51 -13.52 -17.63
CA LEU A 151 -13.62 -13.58 -16.48
C LEU A 151 -12.21 -14.04 -16.87
N ASN A 152 -11.19 -13.35 -16.34
CA ASN A 152 -9.80 -13.81 -16.32
C ASN A 152 -9.36 -13.87 -14.86
N VAL A 153 -8.71 -14.97 -14.48
CA VAL A 153 -8.19 -15.20 -13.15
C VAL A 153 -6.78 -15.75 -13.36
N ALA A 154 -5.82 -15.14 -12.67
CA ALA A 154 -4.40 -15.55 -12.73
C ALA A 154 -3.67 -15.41 -11.44
N SER A 155 -2.70 -16.31 -11.25
CA SER A 155 -1.69 -16.27 -10.23
C SER A 155 -0.35 -16.10 -10.93
N MET A 156 0.53 -15.32 -10.32
CA MET A 156 1.79 -14.96 -10.98
C MET A 156 2.94 -14.80 -10.01
N THR A 157 4.10 -15.18 -10.52
CA THR A 157 5.40 -14.99 -9.88
C THR A 157 6.39 -14.46 -10.90
N THR A 158 7.00 -13.31 -10.63
CA THR A 158 7.87 -12.70 -11.63
C THR A 158 9.35 -13.04 -11.45
N SER A 159 9.75 -13.28 -10.23
CA SER A 159 11.09 -13.76 -9.91
C SER A 159 11.15 -14.61 -8.68
N LYS A 160 11.53 -15.88 -8.83
CA LYS A 160 11.74 -16.76 -7.67
C LYS A 160 12.94 -16.32 -6.83
N THR A 161 14.07 -16.01 -7.46
CA THR A 161 15.31 -15.63 -6.75
C THR A 161 15.28 -14.26 -6.08
N ALA A 162 14.58 -13.27 -6.67
CA ALA A 162 14.35 -11.98 -5.94
C ALA A 162 13.05 -11.92 -5.14
N PHE A 163 12.31 -13.02 -5.09
CA PHE A 163 11.09 -13.09 -4.29
C PHE A 163 10.11 -11.98 -4.73
N SER A 164 9.80 -11.96 -6.01
CA SER A 164 8.98 -10.92 -6.56
C SER A 164 7.69 -11.48 -7.15
N TRP A 165 6.57 -10.89 -6.74
CA TRP A 165 5.27 -11.23 -7.30
C TRP A 165 4.28 -10.11 -6.95
N ASN A 166 3.05 -10.14 -7.47
CA ASN A 166 2.18 -9.02 -7.13
C ASN A 166 1.84 -8.90 -5.64
N HIS A 167 1.84 -7.70 -5.04
CA HIS A 167 1.51 -7.41 -3.68
C HIS A 167 0.55 -6.22 -3.70
N SER A 168 0.17 -5.71 -4.88
CA SER A 168 -0.78 -4.61 -4.96
C SER A 168 -2.14 -5.14 -4.62
N LYS A 169 -2.94 -4.27 -4.01
CA LYS A 169 -4.33 -4.63 -3.59
C LYS A 169 -5.24 -3.51 -4.13
N ILE A 170 -5.81 -3.74 -5.30
CA ILE A 170 -6.56 -2.73 -6.05
C ILE A 170 -7.89 -3.28 -6.44
N LEU A 171 -8.92 -2.43 -6.38
CA LEU A 171 -10.23 -2.69 -6.99
C LEU A 171 -10.66 -1.48 -7.79
N VAL A 172 -10.64 -1.60 -9.10
CA VAL A 172 -11.02 -0.49 -10.03
C VAL A 172 -12.24 -0.90 -10.80
N VAL A 173 -13.24 -0.04 -10.81
CA VAL A 173 -14.46 -0.28 -11.55
C VAL A 173 -14.62 0.81 -12.62
N ASP A 174 -14.75 0.37 -13.87
CA ASP A 174 -14.98 1.21 -15.07
C ASP A 174 -13.89 2.27 -15.26
N GLY A 175 -12.75 2.07 -14.65
CA GLY A 175 -11.73 3.12 -14.67
C GLY A 175 -12.09 4.35 -13.88
N GLN A 176 -13.25 4.37 -13.20
CA GLN A 176 -13.80 5.56 -12.57
C GLN A 176 -13.59 5.61 -11.06
N SER A 177 -13.77 4.46 -10.41
CA SER A 177 -13.61 4.29 -8.97
C SER A 177 -12.48 3.34 -8.66
N ALA A 178 -11.77 3.59 -7.56
CA ALA A 178 -10.69 2.76 -7.12
C ALA A 178 -10.62 2.68 -5.61
N LEU A 179 -10.39 1.49 -5.10
CA LEU A 179 -10.09 1.23 -3.70
C LEU A 179 -8.71 0.61 -3.69
N THR A 180 -7.83 1.13 -2.86
CA THR A 180 -6.49 0.54 -2.74
C THR A 180 -5.94 0.75 -1.36
N GLY A 181 -4.99 -0.08 -0.97
CA GLY A 181 -4.45 0.01 0.35
C GLY A 181 -3.69 -1.24 0.75
N GLY A 182 -3.64 -1.51 2.05
CA GLY A 182 -2.87 -2.66 2.52
C GLY A 182 -3.70 -3.93 2.71
N ILE A 183 -5.02 -3.83 2.57
CA ILE A 183 -5.98 -4.92 2.97
C ILE A 183 -6.01 -6.10 2.00
N ASN A 184 -5.45 -7.20 2.45
CA ASN A 184 -5.59 -8.50 1.75
C ASN A 184 -6.98 -9.01 2.08
N SER A 185 -7.56 -9.77 1.17
CA SER A 185 -8.94 -10.22 1.26
C SER A 185 -8.99 -11.55 1.95
N TRP A 186 -8.47 -11.56 3.19
CA TRP A 186 -8.21 -12.79 3.95
C TRP A 186 -9.13 -12.83 5.17
N LYS A 187 -10.17 -13.66 5.12
CA LYS A 187 -11.22 -13.64 6.14
C LYS A 187 -10.71 -13.96 7.54
N ASP A 188 -9.74 -14.88 7.64
CA ASP A 188 -9.23 -15.32 8.95
C ASP A 188 -8.44 -14.27 9.67
N ASP A 189 -7.67 -13.47 8.94
CA ASP A 189 -6.89 -12.44 9.55
C ASP A 189 -7.70 -11.14 9.85
N TYR A 190 -8.65 -10.79 9.00
CA TYR A 190 -9.32 -9.51 9.10
C TYR A 190 -10.74 -9.53 9.68
N LEU A 191 -11.47 -10.63 9.49
CA LEU A 191 -12.92 -10.68 9.72
C LEU A 191 -13.35 -11.65 10.89
N ASP A 192 -13.23 -12.95 10.66
CA ASP A 192 -13.74 -13.95 11.62
C ASP A 192 -12.64 -14.25 12.64
N THR A 193 -12.47 -13.29 13.56
CA THR A 193 -11.43 -13.33 14.56
C THR A 193 -11.72 -12.28 15.62
N THR A 194 -11.37 -12.58 16.87
CA THR A 194 -11.44 -11.56 17.92
C THR A 194 -10.12 -10.80 18.11
N HIS A 195 -9.16 -11.01 17.23
CA HIS A 195 -7.94 -10.18 17.17
C HIS A 195 -7.67 -9.76 15.69
N PRO A 196 -8.60 -8.98 15.13
CA PRO A 196 -8.50 -8.59 13.71
C PRO A 196 -7.28 -7.70 13.45
N VAL A 197 -6.68 -7.87 12.30
CA VAL A 197 -5.57 -7.02 11.85
C VAL A 197 -6.13 -5.61 11.62
N SER A 198 -5.33 -4.61 11.94
CA SER A 198 -5.70 -3.21 11.74
C SER A 198 -4.97 -2.72 10.48
N ASP A 199 -5.69 -2.14 9.57
CA ASP A 199 -5.14 -1.80 8.25
C ASP A 199 -6.03 -0.71 7.65
N VAL A 200 -5.70 -0.28 6.44
CA VAL A 200 -6.44 0.80 5.81
C VAL A 200 -6.33 0.74 4.28
N ASP A 201 -7.48 0.97 3.65
CA ASP A 201 -7.59 1.31 2.22
C ASP A 201 -8.21 2.74 2.07
N LEU A 202 -8.10 3.33 0.88
CA LEU A 202 -8.88 4.48 0.56
C LEU A 202 -9.74 4.22 -0.61
N ALA A 203 -10.81 4.98 -0.70
CA ALA A 203 -11.72 4.98 -1.85
C ALA A 203 -11.66 6.37 -2.54
N LEU A 204 -11.40 6.38 -3.84
CA LEU A 204 -11.48 7.61 -4.63
C LEU A 204 -12.20 7.37 -5.92
N THR A 205 -12.57 8.46 -6.59
CA THR A 205 -12.98 8.44 -7.98
C THR A 205 -12.23 9.48 -8.75
N GLY A 206 -12.25 9.35 -10.08
CA GLY A 206 -11.64 10.29 -10.98
C GLY A 206 -10.46 9.71 -11.76
N PRO A 207 -9.77 10.60 -12.48
CA PRO A 207 -8.68 10.22 -13.36
C PRO A 207 -7.66 9.30 -12.69
N ALA A 208 -7.45 9.47 -11.40
CA ALA A 208 -6.46 8.61 -10.70
C ALA A 208 -6.87 7.12 -10.65
N ALA A 209 -8.17 6.88 -10.73
CA ALA A 209 -8.64 5.49 -10.93
C ALA A 209 -8.20 4.90 -12.28
N GLY A 210 -8.17 5.74 -13.33
CA GLY A 210 -7.67 5.37 -14.63
C GLY A 210 -6.18 5.01 -14.54
N SER A 211 -5.45 5.79 -13.75
CA SER A 211 -4.04 5.48 -13.51
C SER A 211 -3.86 4.05 -12.95
N ALA A 212 -4.70 3.65 -12.00
CA ALA A 212 -4.70 2.28 -11.47
C ALA A 212 -5.00 1.28 -12.57
N GLY A 213 -5.98 1.57 -13.44
CA GLY A 213 -6.24 0.72 -14.60
C GLY A 213 -5.07 0.52 -15.52
N ARG A 214 -4.32 1.59 -15.74
CA ARG A 214 -3.16 1.45 -16.60
C ARG A 214 -2.03 0.70 -15.94
N TYR A 215 -1.90 0.80 -14.63
CA TYR A 215 -0.95 -0.03 -13.88
C TYR A 215 -1.36 -1.53 -14.02
N LEU A 216 -2.66 -1.86 -13.88
CA LEU A 216 -3.06 -3.21 -14.00
C LEU A 216 -2.85 -3.74 -15.41
N ASP A 217 -3.10 -2.93 -16.43
CA ASP A 217 -2.79 -3.35 -17.81
C ASP A 217 -1.29 -3.70 -17.93
N THR A 218 -0.43 -2.95 -17.25
CA THR A 218 1.00 -3.26 -17.26
C THR A 218 1.27 -4.62 -16.66
N LEU A 219 0.66 -4.92 -15.51
CA LEU A 219 0.84 -6.24 -14.91
C LEU A 219 0.26 -7.35 -15.75
N TRP A 220 -0.94 -7.14 -16.35
CA TRP A 220 -1.58 -8.17 -17.17
C TRP A 220 -0.91 -8.35 -18.50
N THR A 221 -0.27 -7.31 -19.01
CA THR A 221 0.43 -7.43 -20.29
C THR A 221 1.59 -8.42 -20.10
N TRP A 222 2.32 -8.27 -18.98
CA TRP A 222 3.33 -9.24 -18.60
C TRP A 222 2.72 -10.63 -18.34
N THR A 223 1.65 -10.67 -17.57
CA THR A 223 1.02 -11.93 -17.22
C THR A 223 0.58 -12.73 -18.48
N CYS A 224 -0.15 -12.07 -19.37
CA CYS A 224 -0.59 -12.73 -20.61
C CYS A 224 0.57 -13.23 -21.51
N GLN A 225 1.64 -12.45 -21.59
CA GLN A 225 2.85 -12.80 -22.36
C GLN A 225 3.53 -14.06 -21.81
N ASN A 226 3.40 -14.28 -20.51
CA ASN A 226 4.02 -15.41 -19.83
C ASN A 226 3.06 -16.53 -19.45
N LYS A 227 1.84 -16.52 -20.01
CA LYS A 227 0.78 -17.44 -19.61
C LYS A 227 1.06 -18.89 -19.96
N SER A 228 1.98 -19.13 -20.88
CA SER A 228 2.36 -20.51 -21.24
C SER A 228 3.54 -20.99 -20.42
N ASN A 229 4.19 -20.10 -19.67
CA ASN A 229 5.30 -20.48 -18.80
C ASN A 229 4.82 -20.92 -17.41
N ILE A 230 4.88 -22.23 -17.16
CA ILE A 230 4.32 -22.82 -15.95
C ILE A 230 4.93 -22.35 -14.62
N ALA A 231 6.22 -22.04 -14.63
CA ALA A 231 6.88 -21.57 -13.39
C ALA A 231 6.49 -20.14 -13.01
N SER A 232 5.82 -19.45 -13.92
CA SER A 232 5.56 -18.01 -13.79
C SER A 232 4.09 -17.65 -13.63
N VAL A 233 3.23 -18.27 -14.42
CA VAL A 233 1.82 -17.87 -14.50
C VAL A 233 0.90 -19.09 -14.51
N TRP A 234 -0.17 -19.07 -13.71
CA TRP A 234 -1.31 -20.01 -13.86
C TRP A 234 -2.53 -19.18 -14.24
N PHE A 235 -3.05 -19.39 -15.42
CA PHE A 235 -4.18 -18.60 -15.94
C PHE A 235 -5.45 -19.42 -16.16
N ALA A 236 -6.60 -18.79 -15.96
CA ALA A 236 -7.90 -19.44 -16.22
C ALA A 236 -8.94 -18.40 -16.65
N ALA A 237 -9.70 -18.69 -17.69
CA ALA A 237 -10.72 -17.79 -18.21
C ALA A 237 -12.08 -18.48 -18.24
N SER A 238 -13.15 -17.69 -18.25
CA SER A 238 -14.49 -18.21 -18.50
C SER A 238 -14.64 -18.60 -19.97
N GLY A 239 -15.54 -19.54 -20.25
CA GLY A 239 -15.89 -19.85 -21.63
C GLY A 239 -14.71 -20.10 -22.55
N ASN A 240 -14.79 -19.53 -23.74
CA ASN A 240 -13.68 -19.57 -24.70
C ASN A 240 -12.93 -18.22 -24.70
N ALA A 241 -13.10 -17.42 -23.64
CA ALA A 241 -12.44 -16.11 -23.52
C ALA A 241 -10.90 -16.19 -23.48
N GLY A 242 -10.25 -15.20 -24.06
CA GLY A 242 -8.78 -15.16 -24.01
C GLY A 242 -8.26 -14.33 -22.83
N CYS A 243 -6.93 -14.27 -22.70
CA CYS A 243 -6.26 -13.37 -21.76
C CYS A 243 -6.40 -11.96 -22.24
N MET A 244 -6.65 -11.04 -21.32
CA MET A 244 -6.97 -9.68 -21.67
C MET A 244 -5.84 -8.76 -21.15
N PRO A 245 -4.77 -8.58 -21.90
CA PRO A 245 -3.65 -7.81 -21.37
C PRO A 245 -3.98 -6.32 -21.17
N THR A 246 -4.86 -5.75 -22.01
CA THR A 246 -5.14 -4.31 -22.04
C THR A 246 -6.63 -4.01 -21.91
N MET A 247 -7.31 -4.75 -21.02
CA MET A 247 -8.72 -4.51 -20.77
C MET A 247 -9.02 -3.04 -20.49
N HIS A 248 -8.20 -2.41 -19.68
CA HIS A 248 -8.48 -1.02 -19.31
C HIS A 248 -8.38 -0.06 -20.53
N LYS A 249 -7.23 -0.08 -21.18
CA LYS A 249 -6.99 0.71 -22.38
C LYS A 249 -8.09 0.44 -23.44
N ASP A 250 -8.46 -0.84 -23.62
CA ASP A 250 -9.46 -1.27 -24.63
C ASP A 250 -10.92 -0.83 -24.31
N THR A 251 -11.25 -0.63 -23.05
CA THR A 251 -12.64 -0.55 -22.66
C THR A 251 -13.02 0.80 -22.00
N ASN A 252 -12.05 1.50 -21.39
CA ASN A 252 -12.34 2.71 -20.64
C ASN A 252 -11.66 3.91 -21.28
N PRO A 253 -12.17 5.13 -21.05
CA PRO A 253 -11.55 6.34 -21.60
C PRO A 253 -10.10 6.48 -21.16
N LYS A 254 -9.25 6.93 -22.07
CA LYS A 254 -7.84 7.19 -21.79
C LYS A 254 -7.70 8.13 -20.60
N ALA A 255 -8.57 9.14 -20.50
CA ALA A 255 -8.71 9.85 -19.23
C ALA A 255 -10.09 9.69 -18.62
N SER A 256 -10.14 9.22 -17.38
CA SER A 256 -11.43 9.07 -16.69
C SER A 256 -12.09 10.40 -16.45
N PRO A 257 -13.40 10.41 -16.28
CA PRO A 257 -14.09 11.65 -15.97
C PRO A 257 -13.64 12.26 -14.63
N ALA A 258 -13.70 13.57 -14.53
CA ALA A 258 -13.37 14.28 -13.32
C ALA A 258 -14.54 14.24 -12.39
N THR A 259 -14.27 14.11 -11.10
CA THR A 259 -15.29 14.01 -10.09
C THR A 259 -15.15 15.01 -8.94
N GLY A 260 -14.02 15.72 -8.85
CA GLY A 260 -13.77 16.61 -7.76
C GLY A 260 -12.56 17.50 -8.10
N ASN A 261 -11.87 18.02 -7.08
CA ASN A 261 -10.74 18.95 -7.33
C ASN A 261 -9.47 18.49 -6.61
N VAL A 262 -9.39 17.19 -6.31
CA VAL A 262 -8.24 16.64 -5.51
C VAL A 262 -7.08 16.23 -6.42
N PRO A 263 -5.86 16.76 -6.19
CA PRO A 263 -4.70 16.31 -6.94
C PRO A 263 -4.02 15.10 -6.35
N VAL A 264 -3.67 14.16 -7.23
CA VAL A 264 -3.13 12.84 -6.82
C VAL A 264 -1.96 12.41 -7.66
N ILE A 265 -0.94 11.82 -7.02
CA ILE A 265 0.03 11.04 -7.75
C ILE A 265 -0.24 9.55 -7.50
N ALA A 266 -0.54 8.83 -8.56
CA ALA A 266 -0.57 7.35 -8.55
C ALA A 266 0.89 6.87 -8.74
N VAL A 267 1.36 5.92 -7.95
CA VAL A 267 2.74 5.42 -8.12
C VAL A 267 2.83 3.96 -7.68
N GLY A 268 3.46 3.16 -8.54
CA GLY A 268 3.67 1.75 -8.29
C GLY A 268 5.10 1.36 -8.52
N GLY A 269 5.28 0.06 -8.65
CA GLY A 269 6.56 -0.54 -8.96
C GLY A 269 6.39 -1.85 -9.71
N LEU A 270 7.44 -2.23 -10.46
CA LEU A 270 7.43 -3.43 -11.27
C LEU A 270 8.21 -4.58 -10.67
N GLY A 271 8.65 -4.45 -9.43
CA GLY A 271 9.41 -5.47 -8.76
C GLY A 271 10.65 -5.86 -9.53
N VAL A 272 10.83 -7.17 -9.64
CA VAL A 272 11.93 -7.80 -10.38
C VAL A 272 11.33 -8.91 -11.28
N GLY A 273 11.72 -8.90 -12.56
CA GLY A 273 11.44 -9.95 -13.52
C GLY A 273 10.41 -9.55 -14.58
N ILE A 274 9.87 -8.34 -14.49
CA ILE A 274 9.02 -7.79 -15.55
C ILE A 274 9.85 -6.95 -16.53
N LYS A 275 10.58 -6.00 -16.00
CA LYS A 275 11.34 -5.07 -16.85
C LYS A 275 12.58 -4.73 -16.01
N ASP A 276 13.76 -4.73 -16.63
CA ASP A 276 15.02 -4.55 -15.88
C ASP A 276 15.44 -3.10 -15.63
N VAL A 277 15.05 -2.24 -16.53
CA VAL A 277 15.37 -0.84 -16.43
C VAL A 277 14.39 -0.04 -17.27
N ASP A 278 14.25 1.25 -16.95
CA ASP A 278 13.55 2.21 -17.79
C ASP A 278 14.65 2.77 -18.72
N PRO A 279 14.65 2.35 -19.98
CA PRO A 279 15.69 2.82 -20.89
C PRO A 279 15.64 4.29 -21.16
N LYS A 280 14.54 4.95 -20.90
CA LYS A 280 14.51 6.40 -20.98
C LYS A 280 15.13 7.16 -19.80
N SER A 281 15.42 6.46 -18.70
CA SER A 281 15.86 7.15 -17.51
C SER A 281 17.32 7.52 -17.61
N THR A 282 17.63 8.75 -17.21
CA THR A 282 19.02 9.19 -17.03
C THR A 282 19.34 9.51 -15.56
N PHE A 283 18.55 8.92 -14.66
CA PHE A 283 18.68 9.02 -13.20
C PHE A 283 20.10 8.60 -12.80
N ARG A 284 20.73 9.44 -11.98
CA ARG A 284 22.11 9.26 -11.43
C ARG A 284 22.05 9.40 -9.91
N PRO A 285 21.67 8.33 -9.19
CA PRO A 285 21.48 8.45 -7.76
C PRO A 285 22.82 8.61 -7.04
N ASP A 286 22.76 9.30 -5.90
CA ASP A 286 23.82 9.38 -4.92
C ASP A 286 23.52 8.31 -3.92
N LEU A 287 24.13 7.13 -4.04
CA LEU A 287 23.76 6.00 -3.21
C LEU A 287 24.60 6.02 -1.93
N PRO A 288 23.95 5.96 -0.68
CA PRO A 288 24.74 6.07 0.56
C PRO A 288 25.39 4.73 0.84
N THR A 289 26.15 4.64 1.90
CA THR A 289 26.77 3.38 2.30
C THR A 289 26.39 3.06 3.75
N ALA A 290 26.43 1.77 4.12
CA ALA A 290 26.26 1.36 5.52
C ALA A 290 26.77 -0.06 5.66
N SER A 291 27.15 -0.43 6.87
CA SER A 291 27.73 -1.76 7.09
C SER A 291 26.80 -2.72 7.84
N ASP A 292 25.57 -2.28 8.12
CA ASP A 292 24.63 -3.06 8.91
C ASP A 292 23.25 -3.28 8.29
N THR A 293 23.14 -3.16 6.98
CA THR A 293 21.87 -3.49 6.31
C THR A 293 21.96 -4.83 5.58
N LYS A 294 23.08 -5.08 4.91
CA LYS A 294 23.32 -6.31 4.15
C LYS A 294 23.97 -7.35 5.08
N CYS A 295 23.13 -8.18 5.66
CA CYS A 295 23.58 -9.09 6.73
C CYS A 295 24.53 -10.15 6.24
N VAL A 296 24.40 -10.49 4.96
CA VAL A 296 25.16 -11.54 4.35
C VAL A 296 25.87 -11.01 3.11
N VAL A 297 27.46 -11.49 2.74
CA VAL A 297 28.05 -10.80 1.59
C VAL A 297 27.45 -11.19 0.23
N GLY A 298 26.76 -12.34 0.15
CA GLY A 298 26.21 -12.81 -1.13
C GLY A 298 25.01 -12.08 -1.74
N LEU A 299 24.35 -11.27 -0.92
CA LEU A 299 23.03 -10.76 -1.25
C LEU A 299 23.18 -9.58 -2.21
N HIS A 300 22.42 -9.62 -3.29
CA HIS A 300 22.33 -8.45 -4.19
C HIS A 300 21.23 -7.51 -3.64
N ASP A 301 21.59 -6.29 -3.27
CA ASP A 301 20.66 -5.39 -2.58
C ASP A 301 19.99 -4.46 -3.59
N ASN A 302 18.79 -4.81 -4.02
CA ASN A 302 18.06 -3.96 -4.96
C ASN A 302 17.56 -2.66 -4.32
N THR A 303 17.30 -2.70 -3.03
CA THR A 303 16.76 -1.51 -2.33
C THR A 303 17.78 -0.35 -2.23
N ASN A 304 19.03 -0.69 -1.92
CA ASN A 304 20.08 0.28 -1.62
C ASN A 304 21.22 0.39 -2.63
N ALA A 305 21.36 -0.57 -3.56
CA ALA A 305 22.52 -0.65 -4.40
C ALA A 305 22.24 -1.07 -5.82
N ASP A 306 21.11 -0.68 -6.38
CA ASP A 306 20.83 -1.02 -7.77
C ASP A 306 20.06 0.10 -8.45
N ARG A 307 20.83 0.96 -9.12
CA ARG A 307 20.23 2.08 -9.82
C ARG A 307 19.09 1.64 -10.79
N ASP A 308 19.30 0.61 -11.59
CA ASP A 308 18.29 0.23 -12.58
C ASP A 308 17.02 -0.22 -11.90
N TYR A 309 17.15 -0.84 -10.74
CA TYR A 309 15.94 -1.21 -9.93
C TYR A 309 15.06 -0.02 -9.58
N ASP A 310 15.68 1.09 -9.16
CA ASP A 310 14.90 2.28 -8.82
C ASP A 310 14.09 2.75 -10.00
N THR A 311 14.69 2.69 -11.20
CA THR A 311 14.03 3.25 -12.38
C THR A 311 12.73 2.50 -12.78
N VAL A 312 12.63 1.28 -12.37
CA VAL A 312 11.39 0.49 -12.59
C VAL A 312 10.55 0.32 -11.33
N ASN A 313 10.95 0.95 -10.26
CA ASN A 313 10.28 0.93 -8.97
C ASN A 313 10.17 2.35 -8.44
N PRO A 314 9.47 3.22 -9.18
CA PRO A 314 9.38 4.63 -8.76
C PRO A 314 8.81 4.84 -7.37
N GLU A 315 7.94 3.92 -6.91
CA GLU A 315 7.38 4.02 -5.57
C GLU A 315 8.43 4.19 -4.44
N GLU A 316 9.56 3.49 -4.51
CA GLU A 316 10.55 3.62 -3.45
C GLU A 316 10.99 5.08 -3.37
N SER A 317 11.37 5.62 -4.51
CA SER A 317 11.77 7.02 -4.61
C SER A 317 10.66 8.00 -4.21
N ALA A 318 9.41 7.69 -4.59
CA ALA A 318 8.30 8.55 -4.26
C ALA A 318 8.09 8.67 -2.78
N LEU A 319 8.14 7.54 -2.08
CA LEU A 319 8.01 7.52 -0.62
C LEU A 319 9.14 8.31 0.07
N ARG A 320 10.38 8.14 -0.39
CA ARG A 320 11.52 8.90 0.14
C ARG A 320 11.40 10.40 -0.14
N ALA A 321 10.85 10.76 -1.30
CA ALA A 321 10.60 12.16 -1.62
C ALA A 321 9.46 12.73 -0.81
N LEU A 322 8.43 11.92 -0.49
CA LEU A 322 7.33 12.42 0.30
C LEU A 322 7.82 12.79 1.71
N VAL A 323 8.66 11.93 2.31
CA VAL A 323 9.31 12.24 3.57
C VAL A 323 10.15 13.52 3.49
N ALA A 324 10.86 13.66 2.39
CA ALA A 324 11.76 14.79 2.20
C ALA A 324 11.01 16.12 2.00
N SER A 325 9.73 16.07 1.66
CA SER A 325 8.94 17.28 1.44
C SER A 325 8.40 17.90 2.71
N ALA A 326 8.56 17.24 3.86
CA ALA A 326 7.79 17.65 5.04
C ALA A 326 8.45 18.90 5.65
N LYS A 327 7.61 19.89 5.97
CA LYS A 327 8.08 21.11 6.64
C LYS A 327 7.92 21.03 8.15
N GLY A 328 7.02 20.17 8.65
CA GLY A 328 6.50 20.30 9.99
C GLY A 328 6.50 19.01 10.78
N HIS A 329 5.81 18.02 10.23
CA HIS A 329 5.69 16.75 10.93
C HIS A 329 5.35 15.62 9.95
N ILE A 330 5.81 14.42 10.30
CA ILE A 330 5.60 13.19 9.49
C ILE A 330 4.99 12.14 10.41
N GLU A 331 3.91 11.50 9.99
CA GLU A 331 3.38 10.32 10.73
C GLU A 331 3.48 9.12 9.79
N ILE A 332 4.11 8.05 10.27
CA ILE A 332 4.27 6.78 9.54
C ILE A 332 3.56 5.69 10.38
N SER A 333 2.68 4.92 9.74
CA SER A 333 2.08 3.73 10.35
C SER A 333 2.32 2.57 9.37
N GLN A 334 3.03 1.57 9.87
CA GLN A 334 3.50 0.42 9.10
C GLN A 334 3.41 -0.87 9.91
N GLN A 335 3.48 -2.00 9.23
CA GLN A 335 3.78 -3.25 9.92
C GLN A 335 5.17 -3.18 10.48
N ASP A 336 6.11 -2.71 9.65
CA ASP A 336 7.53 -2.72 9.96
C ASP A 336 8.25 -1.63 9.19
N LEU A 337 9.36 -1.13 9.71
CA LEU A 337 10.34 -0.38 8.91
C LEU A 337 11.48 -1.25 8.41
N ASN A 338 11.74 -2.36 9.12
CA ASN A 338 12.87 -3.21 8.79
C ASN A 338 12.38 -4.56 8.30
N ALA A 339 13.18 -5.17 7.44
CA ALA A 339 12.88 -6.47 6.85
C ALA A 339 13.73 -7.59 7.48
N THR A 340 13.31 -8.82 7.23
CA THR A 340 14.10 -9.98 7.66
C THR A 340 15.20 -10.28 6.67
N CYS A 341 16.43 -10.39 7.19
CA CYS A 341 17.59 -10.59 6.36
C CYS A 341 18.22 -11.92 6.79
N PRO A 342 18.59 -12.80 5.86
CA PRO A 342 18.21 -12.76 4.45
C PRO A 342 16.73 -13.12 4.27
N PRO A 343 16.18 -13.00 3.07
CA PRO A 343 16.87 -12.59 1.85
C PRO A 343 16.91 -11.09 1.49
N LEU A 344 16.31 -10.25 2.31
CA LEU A 344 16.24 -8.82 2.05
C LEU A 344 17.25 -8.12 2.93
N PRO A 345 17.70 -6.94 2.55
CA PRO A 345 18.53 -6.15 3.45
C PRO A 345 17.64 -5.66 4.59
N ARG A 346 18.27 -5.30 5.70
CA ARG A 346 17.54 -4.96 6.93
C ARG A 346 16.72 -3.70 6.76
N TYR A 347 17.25 -2.70 6.06
CA TYR A 347 16.51 -1.44 5.94
C TYR A 347 16.96 -0.64 4.70
N ASP A 348 16.10 0.32 4.34
CA ASP A 348 16.30 1.24 3.25
C ASP A 348 17.12 2.43 3.80
N ILE A 349 18.42 2.50 3.42
CA ILE A 349 19.34 3.51 3.94
C ILE A 349 18.85 4.91 3.62
N ARG A 350 18.51 5.14 2.36
CA ARG A 350 17.99 6.42 1.94
C ARG A 350 16.77 6.88 2.69
N LEU A 351 15.85 5.97 3.01
CA LEU A 351 14.71 6.35 3.79
C LEU A 351 15.12 6.78 5.18
N TYR A 352 15.96 5.99 5.84
CA TYR A 352 16.40 6.38 7.20
C TYR A 352 17.18 7.69 7.19
N ASP A 353 17.99 7.90 6.16
CA ASP A 353 18.74 9.16 5.94
C ASP A 353 17.81 10.33 5.73
N ALA A 354 16.68 10.10 5.05
CA ALA A 354 15.70 11.15 4.89
C ALA A 354 15.01 11.52 6.19
N LEU A 355 14.57 10.50 6.97
CA LEU A 355 14.08 10.76 8.31
C LEU A 355 15.09 11.49 9.23
N ALA A 356 16.35 11.04 9.21
CA ALA A 356 17.42 11.69 9.99
C ALA A 356 17.56 13.18 9.60
N ALA A 357 17.62 13.47 8.30
CA ALA A 357 17.73 14.86 7.84
C ALA A 357 16.60 15.72 8.37
N LYS A 358 15.40 15.17 8.42
CA LYS A 358 14.30 15.92 8.89
C LYS A 358 14.35 16.21 10.39
N MET A 359 14.68 15.20 11.20
CA MET A 359 14.83 15.39 12.64
C MET A 359 15.94 16.38 12.96
N ALA A 360 17.02 16.32 12.19
CA ALA A 360 18.13 17.26 12.39
C ALA A 360 17.68 18.69 12.17
N ALA A 361 16.62 18.90 11.36
CA ALA A 361 16.09 20.26 11.12
C ALA A 361 14.83 20.58 11.92
N GLY A 362 14.59 19.78 12.95
CA GLY A 362 13.49 19.99 13.89
C GLY A 362 12.11 19.62 13.41
N VAL A 363 12.04 18.85 12.33
CA VAL A 363 10.78 18.30 11.84
C VAL A 363 10.45 17.03 12.59
N LYS A 364 9.22 16.89 13.06
CA LYS A 364 8.88 15.84 14.04
C LYS A 364 8.50 14.59 13.25
N VAL A 365 8.89 13.42 13.76
CA VAL A 365 8.70 12.15 13.08
C VAL A 365 8.05 11.19 14.07
N ARG A 366 6.92 10.62 13.68
CA ARG A 366 6.26 9.58 14.49
C ARG A 366 6.30 8.31 13.65
N ILE A 367 6.77 7.22 14.26
CA ILE A 367 6.73 5.89 13.65
C ILE A 367 6.00 4.93 14.63
N VAL A 368 4.88 4.39 14.17
CA VAL A 368 4.13 3.34 14.86
C VAL A 368 4.22 2.07 14.02
N VAL A 369 4.77 1.00 14.63
CA VAL A 369 4.87 -0.32 13.96
C VAL A 369 4.09 -1.39 14.78
N SER A 370 3.99 -2.56 14.18
CA SER A 370 3.30 -3.68 14.79
C SER A 370 4.13 -4.17 15.98
N ASP A 371 3.44 -4.66 17.02
CA ASP A 371 4.09 -5.18 18.25
C ASP A 371 4.98 -6.39 17.89
N PRO A 372 6.26 -6.35 18.24
CA PRO A 372 7.15 -7.52 18.06
C PRO A 372 6.61 -8.87 18.61
N ALA A 373 5.67 -8.81 19.55
CA ALA A 373 4.98 -10.04 20.04
C ALA A 373 4.26 -10.85 18.96
N ASN A 374 3.92 -10.20 17.84
CA ASN A 374 3.42 -10.85 16.62
C ASN A 374 4.42 -11.71 15.80
N ARG A 375 5.67 -11.79 16.21
CA ARG A 375 6.69 -12.39 15.33
C ARG A 375 6.77 -13.90 15.49
N GLY A 382 4.45 -13.66 11.38
CA GLY A 382 3.68 -12.96 10.38
C GLY A 382 3.85 -11.44 10.45
N TYR A 383 3.22 -10.82 11.44
CA TYR A 383 3.01 -9.37 11.43
C TYR A 383 4.04 -8.53 12.20
N SER A 384 5.29 -9.01 12.26
CA SER A 384 6.43 -8.19 12.72
C SER A 384 7.72 -8.85 12.28
N GLN A 385 8.74 -8.03 12.04
CA GLN A 385 10.05 -8.50 11.63
C GLN A 385 11.18 -7.97 12.49
N ILE A 386 10.85 -7.42 13.66
CA ILE A 386 11.86 -6.96 14.63
C ILE A 386 11.60 -7.58 15.97
N LYS A 387 12.64 -7.63 16.79
CA LYS A 387 12.50 -8.06 18.18
C LYS A 387 12.21 -6.92 19.12
N SER A 388 12.65 -5.71 18.78
CA SER A 388 12.54 -4.58 19.68
C SER A 388 12.61 -3.29 18.91
N LEU A 389 12.00 -2.26 19.47
CA LEU A 389 11.95 -0.93 18.83
C LEU A 389 13.36 -0.34 18.73
N SER A 390 14.30 -0.82 19.53
CA SER A 390 15.68 -0.36 19.40
C SER A 390 16.31 -0.64 18.05
N GLU A 391 15.87 -1.66 17.33
CA GLU A 391 16.34 -1.90 15.96
C GLU A 391 15.99 -0.78 14.99
N ILE A 392 14.98 0.01 15.33
CA ILE A 392 14.63 1.23 14.56
C ILE A 392 15.33 2.45 15.16
N SER A 393 15.22 2.68 16.47
CA SER A 393 15.90 3.84 17.05
C SER A 393 17.43 3.83 16.95
N ASP A 394 18.06 2.67 17.09
CA ASP A 394 19.51 2.60 16.95
C ASP A 394 19.92 3.01 15.54
N THR A 395 19.15 2.56 14.57
CA THR A 395 19.43 2.86 13.18
C THR A 395 19.28 4.34 12.88
N LEU A 396 18.18 4.93 13.34
CA LEU A 396 17.96 6.37 13.15
C LEU A 396 19.09 7.15 13.79
N ARG A 397 19.50 6.73 15.00
CA ARG A 397 20.61 7.40 15.69
C ARG A 397 21.88 7.34 14.91
N ASN A 398 22.27 6.15 14.44
CA ASN A 398 23.51 6.04 13.65
C ASN A 398 23.53 6.86 12.39
N ARG A 399 22.37 6.98 11.74
CA ARG A 399 22.29 7.81 10.54
C ARG A 399 22.28 9.29 10.89
N LEU A 400 21.67 9.65 12.02
CA LEU A 400 21.75 11.04 12.51
C LEU A 400 23.20 11.42 12.84
N ALA A 401 23.98 10.46 13.33
CA ALA A 401 25.38 10.72 13.71
C ALA A 401 26.23 11.23 12.55
N ASN A 402 25.98 10.74 11.35
CA ASN A 402 26.67 11.22 10.15
C ASN A 402 26.49 12.69 9.85
N ILE A 403 25.35 13.26 10.27
CA ILE A 403 25.01 14.66 9.97
C ILE A 403 24.88 15.59 11.17
N THR A 404 25.10 15.07 12.38
CA THR A 404 25.05 15.95 13.56
C THR A 404 26.41 16.04 14.27
N GLY A 405 27.44 15.38 13.71
CA GLY A 405 28.80 15.39 14.25
C GLY A 405 29.17 14.33 15.27
N GLY A 406 28.26 13.43 15.58
CA GLY A 406 28.53 12.34 16.53
C GLY A 406 27.32 11.73 17.19
N GLN A 407 27.61 10.72 18.02
CA GLN A 407 26.58 9.88 18.64
C GLN A 407 25.76 10.56 19.72
N GLN A 408 26.42 11.39 20.55
CA GLN A 408 25.69 12.14 21.60
C GLN A 408 24.68 13.17 20.99
N ALA A 409 25.12 13.96 20.01
CA ALA A 409 24.28 14.99 19.35
C ALA A 409 23.18 14.38 18.49
N ALA A 410 23.56 12.98 18.01
CA ALA A 410 22.49 12.22 17.36
C ALA A 410 21.42 11.82 18.30
N LYS A 411 21.78 11.36 19.50
CA LYS A 411 20.80 10.92 20.47
C LYS A 411 19.90 12.05 20.89
N THR A 412 20.48 13.20 21.12
CA THR A 412 19.72 14.41 21.44
C THR A 412 18.73 14.83 20.35
N ALA A 413 19.18 14.88 19.11
CA ALA A 413 18.31 15.26 17.98
C ALA A 413 17.16 14.25 17.93
N MET A 414 17.47 12.97 18.17
CA MET A 414 16.44 11.92 18.08
C MET A 414 15.41 12.02 19.18
N CYS A 415 15.87 12.10 20.41
CA CYS A 415 14.97 12.28 21.55
C CYS A 415 14.13 13.58 21.51
N SER A 416 14.62 14.63 20.88
CA SER A 416 13.93 15.88 20.76
C SER A 416 12.89 15.91 19.62
N ASN A 417 12.99 14.95 18.68
CA ASN A 417 12.14 15.01 17.48
C ASN A 417 11.43 13.72 17.06
N LEU A 418 11.48 12.68 17.89
CA LEU A 418 10.92 11.38 17.55
C LEU A 418 9.81 10.89 18.48
N GLN A 419 8.75 10.34 17.90
CA GLN A 419 7.81 9.48 18.62
C GLN A 419 7.91 8.11 18.00
N LEU A 420 8.25 7.11 18.82
CA LEU A 420 8.45 5.72 18.38
C LEU A 420 7.72 4.74 19.28
N ALA A 421 6.83 3.99 18.71
CA ALA A 421 5.94 3.09 19.50
C ALA A 421 5.41 1.93 18.73
N THR A 422 4.80 0.97 19.45
CA THR A 422 4.09 -0.12 18.84
C THR A 422 2.59 0.14 19.01
N PHE A 423 1.80 -0.48 18.15
CA PHE A 423 0.38 -0.13 17.96
C PHE A 423 -0.52 -0.79 19.00
N ARG A 424 -1.43 0.00 19.57
CA ARG A 424 -2.64 -0.49 20.23
C ARG A 424 -3.86 0.28 19.72
N SER A 425 -5.02 -0.35 19.77
CA SER A 425 -6.26 0.37 19.46
C SER A 425 -7.19 0.57 20.65
N SER A 426 -6.79 0.13 21.84
CA SER A 426 -7.56 0.37 23.08
C SER A 426 -6.57 0.47 24.25
N PRO A 427 -7.05 0.78 25.47
CA PRO A 427 -6.15 0.89 26.64
C PRO A 427 -5.39 -0.39 26.97
N ASN A 428 -5.88 -1.51 26.50
CA ASN A 428 -5.28 -2.80 26.81
C ASN A 428 -4.02 -3.01 26.00
N GLY A 429 -2.99 -3.56 26.63
CA GLY A 429 -1.79 -3.94 25.90
C GLY A 429 -1.94 -4.96 24.79
N LYS A 430 -3.01 -5.77 24.87
CA LYS A 430 -3.32 -6.75 23.84
C LYS A 430 -4.82 -6.75 23.61
N TRP A 431 -5.28 -7.47 22.59
CA TRP A 431 -6.72 -7.66 22.46
C TRP A 431 -7.19 -8.42 23.69
N ALA A 432 -8.49 -8.39 23.94
CA ALA A 432 -9.07 -9.05 25.11
C ALA A 432 -8.95 -10.58 25.02
N ASP A 433 -8.85 -11.14 23.81
CA ASP A 433 -8.60 -12.57 23.67
C ASP A 433 -7.12 -12.94 23.95
N GLY A 434 -6.27 -11.97 24.31
CA GLY A 434 -4.89 -12.23 24.65
C GLY A 434 -3.87 -12.21 23.49
N HIS A 435 -4.34 -12.10 22.26
CA HIS A 435 -3.45 -12.01 21.08
C HIS A 435 -2.98 -10.54 20.94
N PRO A 436 -1.72 -10.34 20.55
CA PRO A 436 -1.23 -8.97 20.32
C PRO A 436 -1.99 -8.33 19.15
N TYR A 437 -1.98 -7.01 19.11
CA TYR A 437 -2.58 -6.26 18.01
C TYR A 437 -1.61 -6.38 16.84
N ALA A 438 -2.10 -6.80 15.67
CA ALA A 438 -1.28 -6.82 14.46
C ALA A 438 -1.70 -5.58 13.66
N GLN A 439 -0.72 -4.85 13.14
CA GLN A 439 -0.97 -3.69 12.30
C GLN A 439 -0.35 -3.94 10.91
N HIS A 440 -1.02 -3.48 9.85
CA HIS A 440 -0.56 -3.82 8.49
C HIS A 440 -0.71 -2.63 7.52
N HIS A 441 -1.02 -1.44 8.03
CA HIS A 441 -1.08 -0.19 7.22
C HIS A 441 0.24 0.00 6.45
N LYS A 442 0.09 0.65 5.30
CA LYS A 442 1.24 1.24 4.59
C LYS A 442 0.92 2.71 4.36
N LEU A 443 1.12 3.46 5.44
CA LEU A 443 0.56 4.82 5.57
C LEU A 443 1.69 5.78 5.91
N VAL A 444 1.74 6.90 5.18
CA VAL A 444 2.63 8.02 5.52
C VAL A 444 1.85 9.29 5.33
N SER A 445 1.85 10.16 6.34
CA SER A 445 1.21 11.46 6.19
C SER A 445 2.18 12.54 6.61
N VAL A 446 2.17 13.65 5.87
CA VAL A 446 3.04 14.81 6.20
C VAL A 446 2.25 16.12 6.29
N ASP A 447 2.56 16.94 7.29
CA ASP A 447 2.07 18.29 7.40
C ASP A 447 0.56 18.46 7.45
N SER A 448 -0.16 17.43 7.93
CA SER A 448 -1.64 17.50 7.86
C SER A 448 -2.11 18.00 6.50
N SER A 449 -1.44 17.49 5.47
CA SER A 449 -1.55 17.98 4.11
C SER A 449 -1.55 16.87 3.08
N THR A 450 -0.49 16.06 3.05
CA THR A 450 -0.30 15.10 1.96
C THR A 450 0.02 13.71 2.51
N PHE A 451 -0.66 12.69 1.97
CA PHE A 451 -0.50 11.34 2.50
C PHE A 451 -0.43 10.27 1.42
N TYR A 452 0.27 9.19 1.76
CA TYR A 452 0.28 7.96 0.97
C TYR A 452 -0.52 6.87 1.67
N ILE A 453 -1.46 6.27 0.95
CA ILE A 453 -2.13 5.02 1.31
C ILE A 453 -2.02 4.10 0.12
N GLY A 454 -1.43 2.94 0.35
CA GLY A 454 -1.32 1.93 -0.69
C GLY A 454 -0.85 0.59 -0.12
N SER A 455 -0.19 -0.20 -0.96
CA SER A 455 0.38 -1.50 -0.63
C SER A 455 1.87 -1.53 -0.37
N LYS A 456 2.60 -0.48 -0.71
CA LYS A 456 4.06 -0.48 -0.61
C LYS A 456 4.52 -0.28 0.81
N ASN A 457 5.15 -1.31 1.35
CA ASN A 457 5.77 -1.25 2.66
C ASN A 457 7.01 -0.40 2.66
N LEU A 458 7.36 0.19 3.78
CA LEU A 458 8.58 1.01 3.87
C LEU A 458 9.79 0.11 4.15
N TYR A 459 9.56 -1.14 4.58
CA TYR A 459 10.67 -2.09 4.74
C TYR A 459 11.08 -2.63 3.38
N PRO A 460 12.36 -3.01 3.19
CA PRO A 460 12.80 -3.54 1.91
C PRO A 460 11.94 -4.67 1.39
N SER A 461 11.55 -4.53 0.13
CA SER A 461 10.58 -5.38 -0.53
C SER A 461 10.70 -5.11 -2.02
N TRP A 462 10.77 -6.19 -2.82
CA TRP A 462 10.98 -6.13 -4.26
C TRP A 462 9.82 -6.66 -5.07
N LEU A 463 8.62 -6.20 -4.73
CA LEU A 463 7.35 -6.72 -5.24
C LEU A 463 6.69 -5.73 -6.19
N GLN A 464 5.64 -6.16 -6.93
CA GLN A 464 4.78 -5.21 -7.60
C GLN A 464 3.77 -4.61 -6.60
N ASP A 465 3.89 -3.31 -6.41
CA ASP A 465 3.07 -2.56 -5.45
C ASP A 465 2.48 -1.31 -6.07
N PHE A 466 1.57 -0.67 -5.34
CA PHE A 466 0.75 0.46 -5.89
C PHE A 466 0.14 1.23 -4.76
N GLY A 467 0.01 2.54 -4.98
CA GLY A 467 -0.67 3.40 -4.05
C GLY A 467 -0.90 4.79 -4.57
N TYR A 468 -1.56 5.58 -3.75
CA TYR A 468 -1.83 6.97 -4.06
C TYR A 468 -1.21 7.96 -3.08
N ILE A 469 -0.55 8.99 -3.60
CA ILE A 469 -0.18 10.16 -2.81
C ILE A 469 -1.22 11.31 -3.08
N VAL A 470 -1.92 11.74 -2.06
CA VAL A 470 -3.05 12.69 -2.13
C VAL A 470 -2.64 13.97 -1.41
N GLU A 471 -2.66 15.12 -2.07
CA GLU A 471 -2.47 16.40 -1.42
C GLU A 471 -3.85 17.11 -1.20
N SER A 472 -4.43 16.98 0.01
CA SER A 472 -5.73 17.57 0.34
C SER A 472 -5.76 17.77 1.86
N PRO A 473 -5.42 18.96 2.37
CA PRO A 473 -5.51 19.23 3.80
C PRO A 473 -6.81 18.81 4.46
N GLU A 474 -7.94 19.04 3.82
CA GLU A 474 -9.17 18.54 4.35
C GLU A 474 -9.14 17.05 4.65
N ALA A 475 -8.79 16.25 3.65
CA ALA A 475 -8.76 14.79 3.80
C ALA A 475 -7.70 14.38 4.83
N ALA A 476 -6.56 15.08 4.86
CA ALA A 476 -5.50 14.74 5.78
C ALA A 476 -5.92 15.00 7.22
N LYS A 477 -6.77 16.01 7.40
CA LYS A 477 -7.31 16.33 8.74
C LYS A 477 -8.35 15.27 9.14
N GLN A 478 -9.08 14.77 8.16
CA GLN A 478 -10.00 13.64 8.35
C GLN A 478 -9.20 12.39 8.78
N LEU A 479 -8.07 12.19 8.11
CA LEU A 479 -7.13 11.07 8.39
C LEU A 479 -6.65 11.17 9.83
N ASP A 480 -6.30 12.39 10.26
CA ASP A 480 -5.89 12.68 11.64
C ASP A 480 -6.97 12.26 12.62
N ALA A 481 -8.17 12.81 12.42
CA ALA A 481 -9.27 12.60 13.35
C ALA A 481 -9.68 11.17 13.48
N LYS A 482 -9.70 10.45 12.34
CA LYS A 482 -10.35 9.15 12.30
C LYS A 482 -9.37 8.01 12.51
N LEU A 483 -8.06 8.31 12.37
CA LEU A 483 -7.06 7.25 12.40
C LEU A 483 -5.81 7.60 13.15
N LEU A 484 -5.08 8.63 12.74
CA LEU A 484 -3.82 8.85 13.41
C LEU A 484 -3.95 9.31 14.89
N ASP A 485 -4.93 10.17 15.16
CA ASP A 485 -5.16 10.67 16.53
C ASP A 485 -5.58 9.51 17.45
N PRO A 486 -6.61 8.76 17.10
CA PRO A 486 -6.97 7.59 17.96
C PRO A 486 -5.80 6.60 18.09
N GLN A 487 -5.08 6.34 17.01
CA GLN A 487 -3.88 5.50 17.07
C GLN A 487 -2.91 6.01 18.13
N TRP A 488 -2.58 7.31 18.12
CA TRP A 488 -1.54 7.76 19.02
C TRP A 488 -2.16 7.83 20.46
N LYS A 489 -3.46 8.03 20.55
CA LYS A 489 -4.13 8.05 21.88
C LYS A 489 -3.83 6.78 22.66
N TYR A 490 -3.96 5.62 21.99
CA TYR A 490 -3.74 4.34 22.63
C TYR A 490 -2.30 3.85 22.54
N SER A 491 -1.60 4.14 21.41
CA SER A 491 -0.27 3.57 21.18
C SER A 491 0.81 4.27 21.94
N GLN A 492 0.58 5.53 22.34
CA GLN A 492 1.67 6.31 22.97
C GLN A 492 2.18 5.65 24.27
N GLU A 493 1.36 4.81 24.89
CA GLU A 493 1.77 4.14 26.15
C GLU A 493 2.90 3.12 25.96
N THR A 494 3.18 2.68 24.72
CA THR A 494 4.31 1.80 24.44
C THR A 494 5.56 2.54 23.98
N ALA A 495 5.55 3.85 23.89
CA ALA A 495 6.66 4.57 23.28
C ALA A 495 7.97 4.43 24.05
N THR A 496 9.02 4.15 23.31
CA THR A 496 10.39 4.20 23.81
C THR A 496 10.95 5.59 23.66
N VAL A 497 10.45 6.31 22.66
CA VAL A 497 10.88 7.70 22.48
C VAL A 497 9.62 8.51 22.22
N ASP A 498 9.49 9.65 22.93
CA ASP A 498 8.35 10.54 22.71
C ASP A 498 8.73 11.94 23.16
N TYR A 499 9.21 12.71 22.20
CA TYR A 499 9.60 14.10 22.43
C TYR A 499 8.53 14.94 23.15
N ALA A 500 7.24 14.67 22.89
CA ALA A 500 6.13 15.43 23.47
C ALA A 500 5.96 15.26 24.99
N ARG A 501 6.63 14.25 25.54
CA ARG A 501 6.56 13.92 26.95
C ARG A 501 7.93 13.75 27.54
N GLY A 502 8.98 14.13 26.81
CA GLY A 502 10.35 13.98 27.28
C GLY A 502 10.84 12.55 27.52
N ILE A 503 10.22 11.55 26.90
CA ILE A 503 10.61 10.17 27.08
C ILE A 503 11.70 9.80 26.11
N CYS A 504 12.73 9.17 26.63
CA CYS A 504 13.91 8.88 25.85
C CYS A 504 14.65 7.62 26.31
N ASN A 505 13.98 6.48 26.19
CA ASN A 505 14.50 5.20 26.68
C ASN A 505 15.01 4.36 25.54
N ALA A 506 16.11 4.83 24.96
CA ALA A 506 16.64 4.27 23.71
C ALA A 506 18.17 4.36 23.60
#